data_2WER
#
_entry.id   2WER
#
_cell.length_a   74.007
_cell.length_b   74.053
_cell.length_c   110.193
_cell.angle_alpha   90.00
_cell.angle_beta   90.00
_cell.angle_gamma   90.00
#
_symmetry.space_group_name_H-M   'P 2 2 21'
#
loop_
_entity.id
_entity.type
_entity.pdbx_description
1 polymer 'ATP-DEPENDENT MOLECULAR CHAPERONE HSP82'
2 non-polymer RADICICOL
3 water water
#
_entity_poly.entity_id   1
_entity_poly.type   'polypeptide(L)'
_entity_poly.pdbx_seq_one_letter_code
;MASETFEFQAEITQLMSLIINTVYSNKEIFLREIVSNASDALDKIRYKSLSDPKQLETEPDLFIRITPKPEQKVLEIRDS
GIGMTKAELINNLGTIAKSGTKAFMEALSAGADVSMIGQFGVGFYSLFLVADRVQVISKSNDDEQYIWESNAGGSFTVTL
DEVNERIGRGTILRLFLKDDQLEYLEEKRIKEVIKRHSEFVAYPIQLVVTKEVEKEVPIP
;
_entity_poly.pdbx_strand_id   A,B
#
loop_
_chem_comp.id
_chem_comp.type
_chem_comp.name
_chem_comp.formula
RDC non-polymer RADICICOL 'C18 H17 Cl O6'
#
# COMPACT_ATOMS: atom_id res chain seq x y z
N MET A 1 11.35 -18.93 32.62
CA MET A 1 11.41 -18.49 31.17
C MET A 1 12.33 -17.28 30.97
N ALA A 2 13.58 -17.58 30.61
CA ALA A 2 14.67 -16.60 30.65
C ALA A 2 14.67 -15.65 29.45
N SER A 3 14.91 -14.37 29.76
CA SER A 3 15.12 -13.32 28.78
C SER A 3 16.50 -13.45 28.16
N GLU A 4 16.65 -13.03 26.91
CA GLU A 4 17.96 -12.78 26.32
C GLU A 4 18.11 -11.27 26.13
N THR A 5 19.32 -10.76 26.36
CA THR A 5 19.54 -9.34 26.32
C THR A 5 20.47 -9.02 25.16
N PHE A 6 20.16 -7.96 24.42
CA PHE A 6 20.90 -7.58 23.21
C PHE A 6 21.26 -6.11 23.28
N GLU A 7 22.35 -5.73 22.62
CA GLU A 7 22.70 -4.30 22.55
C GLU A 7 22.17 -3.68 21.26
N PHE A 8 21.66 -2.46 21.35
CA PHE A 8 21.17 -1.72 20.16
C PHE A 8 22.33 -1.26 19.26
N GLN A 9 22.15 -1.24 17.93
CA GLN A 9 23.15 -0.53 17.09
C GLN A 9 23.34 0.88 17.61
N ALA A 10 24.57 1.38 17.51
CA ALA A 10 24.91 2.66 18.05
C ALA A 10 24.01 3.79 17.61
N GLU A 11 23.74 3.89 16.31
CA GLU A 11 22.95 5.01 15.76
C GLU A 11 21.47 4.94 16.17
N ILE A 12 21.01 3.80 16.70
CA ILE A 12 19.61 3.63 17.12
C ILE A 12 19.44 4.14 18.53
N THR A 13 20.38 3.79 19.40
CA THR A 13 20.39 4.33 20.75
C THR A 13 20.49 5.87 20.68
N GLN A 14 21.28 6.36 19.70
CA GLN A 14 21.42 7.78 19.34
C GLN A 14 20.09 8.37 18.89
N LEU A 15 19.49 7.73 17.87
CA LEU A 15 18.18 8.16 17.35
C LEU A 15 17.16 8.15 18.45
N MET A 16 17.13 7.07 19.23
CA MET A 16 16.19 7.02 20.36
C MET A 16 16.38 8.27 21.17
N SER A 17 17.60 8.56 21.59
N SER A 17 17.50 8.30 21.94
CA SER A 17 17.84 9.78 22.34
CA SER A 17 17.57 8.97 23.27
C SER A 17 17.36 11.09 21.69
C SER A 17 17.10 10.41 23.21
N LEU A 18 17.61 11.24 20.39
N LEU A 18 17.31 11.01 22.06
CA LEU A 18 17.20 12.42 19.64
CA LEU A 18 16.74 12.30 21.77
C LEU A 18 15.67 12.64 19.62
C LEU A 18 15.24 12.26 22.08
N ILE A 19 14.95 11.57 19.33
N ILE A 19 14.59 11.19 21.63
CA ILE A 19 13.49 11.63 19.32
CA ILE A 19 13.15 11.22 21.54
C ILE A 19 12.94 12.01 20.68
C ILE A 19 12.46 11.24 22.90
N ILE A 20 13.41 11.36 21.75
N ILE A 20 12.94 10.42 23.84
CA ILE A 20 12.80 11.67 23.04
CA ILE A 20 12.18 10.28 25.08
C ILE A 20 13.26 13.00 23.61
C ILE A 20 12.36 11.57 25.85
N ASN A 21 14.47 13.43 23.22
N ASN A 21 13.55 12.16 25.71
CA ASN A 21 15.07 14.67 23.77
CA ASN A 21 13.87 13.52 26.16
C ASN A 21 14.89 15.97 22.98
C ASN A 21 13.92 14.43 24.95
N THR A 22 14.55 15.91 21.69
N THR A 22 12.74 14.86 24.53
CA THR A 22 14.62 17.16 20.88
CA THR A 22 12.58 15.94 23.59
C THR A 22 13.34 17.46 20.06
C THR A 22 11.39 16.71 24.09
N VAL A 23 12.29 16.73 20.38
N VAL A 23 11.49 18.02 23.96
CA VAL A 23 11.00 16.69 19.71
CA VAL A 23 10.46 18.93 24.39
C VAL A 23 10.11 17.94 19.74
C VAL A 23 9.48 19.22 23.29
N TYR A 24 9.29 17.98 20.77
N TYR A 24 9.55 18.48 22.19
CA TYR A 24 8.40 19.08 21.04
CA TYR A 24 8.72 18.87 21.06
C TYR A 24 7.01 19.07 20.37
C TYR A 24 7.20 18.70 21.21
N SER A 25 6.92 18.91 19.05
N SER A 25 6.51 19.66 20.63
CA SER A 25 5.60 19.06 18.40
CA SER A 25 5.08 19.61 20.57
C SER A 25 5.20 17.92 17.45
C SER A 25 4.70 18.54 19.58
N ASN A 26 3.90 17.84 17.16
N ASN A 26 3.40 18.41 19.38
CA ASN A 26 3.37 16.83 16.25
CA ASN A 26 2.88 17.45 18.45
C ASN A 26 3.67 15.44 16.80
C ASN A 26 3.22 16.01 18.74
N LYS A 27 3.71 15.28 18.13
N LYS A 27 3.09 15.60 19.99
CA LYS A 27 3.96 13.96 18.78
CA LYS A 27 3.45 14.23 20.36
C LYS A 27 2.79 13.04 18.65
C LYS A 27 2.60 13.14 19.70
N GLU A 28 1.57 13.53 18.92
CA GLU A 28 0.44 12.67 18.51
C GLU A 28 0.79 11.99 17.16
N ILE A 29 1.82 12.50 16.46
CA ILE A 29 2.30 11.81 15.25
C ILE A 29 2.76 10.33 15.48
N PHE A 30 3.05 9.96 16.72
CA PHE A 30 3.47 8.58 17.02
C PHE A 30 2.41 7.60 16.49
N LEU A 31 1.14 8.02 16.59
CA LEU A 31 0.06 7.08 16.21
C LEU A 31 0.01 6.83 14.73
N ARG A 32 0.18 7.86 13.88
CA ARG A 32 0.22 7.53 12.44
C ARG A 32 1.35 6.61 12.03
N GLU A 33 2.49 6.72 12.72
CA GLU A 33 3.66 5.87 12.45
C GLU A 33 3.31 4.41 12.74
N ILE A 34 2.72 4.19 13.93
CA ILE A 34 2.16 2.86 14.33
C ILE A 34 1.17 2.24 13.38
N VAL A 35 0.19 3.04 12.99
CA VAL A 35 -0.81 2.55 12.11
C VAL A 35 -0.24 2.28 10.74
N SER A 36 0.72 3.13 10.32
CA SER A 36 1.38 2.98 9.04
C SER A 36 2.15 1.63 9.00
N ASN A 37 2.88 1.35 10.09
CA ASN A 37 3.66 0.10 10.17
C ASN A 37 2.73 -1.10 10.17
N ALA A 38 1.65 -0.97 10.95
CA ALA A 38 0.62 -2.01 10.95
C ALA A 38 -0.03 -2.25 9.61
N SER A 39 -0.35 -1.16 8.90
CA SER A 39 -0.89 -1.28 7.55
C SER A 39 0.09 -1.98 6.63
N ASP A 40 1.37 -1.55 6.68
CA ASP A 40 2.40 -2.22 5.84
C ASP A 40 2.51 -3.68 6.20
N ALA A 41 2.47 -4.01 7.51
CA ALA A 41 2.57 -5.44 7.88
C ALA A 41 1.39 -6.23 7.39
N LEU A 42 0.21 -5.63 7.39
CA LEU A 42 -0.94 -6.28 6.82
C LEU A 42 -0.81 -6.36 5.29
N ASP A 43 -0.28 -5.28 4.68
CA ASP A 43 0.04 -5.35 3.22
C ASP A 43 0.88 -6.57 2.94
N LYS A 44 1.90 -6.83 3.77
CA LYS A 44 2.84 -7.95 3.53
C LYS A 44 2.16 -9.31 3.59
N ILE A 45 1.32 -9.55 4.61
CA ILE A 45 0.68 -10.84 4.74
C ILE A 45 -0.38 -11.06 3.61
N ARG A 46 -1.02 -9.99 3.19
CA ARG A 46 -1.99 -10.18 2.10
C ARG A 46 -1.23 -10.45 0.82
N TYR A 47 -0.14 -9.72 0.59
CA TYR A 47 0.66 -9.98 -0.63
C TYR A 47 1.18 -11.42 -0.64
N LYS A 48 1.74 -11.86 0.52
CA LYS A 48 2.27 -13.22 0.64
C LYS A 48 1.17 -14.23 0.41
N SER A 49 -0.04 -13.88 0.85
CA SER A 49 -1.18 -14.78 0.79
C SER A 49 -1.59 -15.07 -0.68
N LEU A 50 -1.25 -14.17 -1.62
CA LEU A 50 -1.66 -14.37 -3.02
C LEU A 50 -1.13 -15.70 -3.58
N SER A 51 0.08 -16.06 -3.16
CA SER A 51 0.77 -17.27 -3.66
C SER A 51 0.80 -18.37 -2.58
N ASP A 52 0.46 -17.99 -1.36
CA ASP A 52 0.44 -18.91 -0.23
C ASP A 52 -0.79 -18.55 0.62
N PRO A 53 -2.01 -18.87 0.14
CA PRO A 53 -3.25 -18.44 0.82
C PRO A 53 -3.36 -18.93 2.27
N LYS A 54 -2.72 -20.07 2.58
CA LYS A 54 -2.97 -20.76 3.86
C LYS A 54 -2.19 -20.07 4.97
N GLN A 55 -1.32 -19.14 4.58
CA GLN A 55 -0.69 -18.21 5.52
C GLN A 55 -1.74 -17.42 6.27
N LEU A 56 -2.89 -17.18 5.66
CA LEU A 56 -3.96 -16.39 6.32
C LEU A 56 -4.71 -17.12 7.42
N GLU A 57 -4.69 -18.45 7.37
CA GLU A 57 -5.53 -19.31 8.21
C GLU A 57 -5.31 -19.19 9.74
N THR A 58 -4.12 -18.76 10.14
CA THR A 58 -3.76 -18.56 11.54
C THR A 58 -4.54 -17.39 12.15
N GLU A 59 -5.02 -16.52 11.25
CA GLU A 59 -5.86 -15.38 11.62
C GLU A 59 -6.48 -14.70 10.40
N PRO A 60 -7.66 -15.19 10.02
CA PRO A 60 -8.25 -14.85 8.71
C PRO A 60 -8.71 -13.40 8.64
N ASP A 61 -9.00 -12.81 9.80
CA ASP A 61 -9.41 -11.42 9.80
C ASP A 61 -8.24 -10.45 9.78
N LEU A 62 -8.32 -9.45 8.88
CA LEU A 62 -7.27 -8.46 8.66
C LEU A 62 -7.69 -7.14 9.28
N PHE A 63 -7.07 -6.79 10.39
CA PHE A 63 -7.52 -5.64 11.16
C PHE A 63 -6.36 -4.94 11.88
N ILE A 64 -6.61 -3.70 12.26
CA ILE A 64 -5.76 -2.95 13.18
C ILE A 64 -6.70 -2.63 14.38
N ARG A 65 -6.23 -2.85 15.60
CA ARG A 65 -7.13 -2.74 16.77
C ARG A 65 -6.39 -1.96 17.87
N ILE A 66 -7.00 -0.89 18.38
CA ILE A 66 -6.34 -0.09 19.42
C ILE A 66 -7.14 -0.30 20.71
N THR A 67 -6.41 -0.63 21.78
CA THR A 67 -7.00 -0.97 23.07
C THR A 67 -6.32 -0.16 24.17
N PRO A 68 -6.98 0.89 24.64
CA PRO A 68 -6.49 1.60 25.83
C PRO A 68 -6.64 0.69 27.06
N LYS A 69 -5.63 0.71 27.93
CA LYS A 69 -5.67 -0.01 29.21
C LYS A 69 -5.37 0.95 30.38
N PRO A 70 -6.34 1.84 30.69
CA PRO A 70 -6.13 2.98 31.63
C PRO A 70 -5.56 2.58 32.99
N GLU A 71 -6.02 1.46 33.56
CA GLU A 71 -5.47 0.97 34.83
C GLU A 71 -3.93 0.88 34.84
N GLN A 72 -3.39 0.33 33.75
CA GLN A 72 -1.96 0.09 33.59
C GLN A 72 -1.23 1.24 32.92
N LYS A 73 -1.95 2.30 32.51
CA LYS A 73 -1.37 3.40 31.77
C LYS A 73 -0.74 2.86 30.48
N VAL A 74 -1.48 1.95 29.84
CA VAL A 74 -0.98 1.28 28.61
C VAL A 74 -1.90 1.53 27.43
N LEU A 75 -1.31 1.68 26.23
CA LEU A 75 -2.07 1.72 24.99
C LEU A 75 -1.49 0.63 24.10
N GLU A 76 -2.35 -0.30 23.63
CA GLU A 76 -1.93 -1.45 22.78
C GLU A 76 -2.44 -1.18 21.37
N ILE A 77 -1.63 -1.48 20.34
CA ILE A 77 -2.09 -1.44 18.94
C ILE A 77 -1.71 -2.74 18.37
N ARG A 78 -2.72 -3.47 17.96
CA ARG A 78 -2.59 -4.84 17.46
C ARG A 78 -2.85 -4.83 15.94
N ASP A 79 -2.07 -5.59 15.21
CA ASP A 79 -2.45 -5.89 13.86
C ASP A 79 -2.40 -7.41 13.65
N SER A 80 -3.11 -7.89 12.63
CA SER A 80 -3.05 -9.28 12.24
C SER A 80 -2.18 -9.43 10.91
N GLY A 81 -1.14 -8.62 10.83
CA GLY A 81 -0.15 -8.68 9.77
C GLY A 81 0.77 -9.89 9.84
N ILE A 82 1.91 -9.71 9.15
CA ILE A 82 2.76 -10.85 8.88
C ILE A 82 3.46 -11.34 10.15
N GLY A 83 3.65 -10.43 11.10
CA GLY A 83 4.35 -10.89 12.35
C GLY A 83 5.85 -11.00 12.13
N MET A 84 6.58 -11.22 13.22
CA MET A 84 8.04 -11.28 13.21
C MET A 84 8.46 -12.49 14.04
N THR A 85 9.32 -13.34 13.48
CA THR A 85 9.99 -14.40 14.27
C THR A 85 10.99 -13.78 15.29
N LYS A 86 11.54 -14.61 16.19
CA LYS A 86 12.54 -14.14 17.13
C LYS A 86 13.68 -13.41 16.40
N ALA A 87 14.22 -14.05 15.35
CA ALA A 87 15.33 -13.45 14.62
C ALA A 87 14.92 -12.11 13.98
N GLU A 88 13.69 -12.03 13.46
CA GLU A 88 13.22 -10.79 12.82
C GLU A 88 13.04 -9.68 13.85
N LEU A 89 12.53 -10.01 15.02
CA LEU A 89 12.44 -8.99 16.09
C LEU A 89 13.84 -8.40 16.44
N ILE A 90 14.81 -9.27 16.57
CA ILE A 90 16.18 -8.89 16.97
C ILE A 90 16.77 -8.00 15.86
N ASN A 91 16.55 -8.42 14.62
CA ASN A 91 17.14 -7.71 13.47
C ASN A 91 16.40 -6.41 13.16
N ASN A 92 15.08 -6.46 13.03
CA ASN A 92 14.26 -5.26 12.73
C ASN A 92 14.26 -4.18 13.78
N LEU A 93 14.26 -4.61 15.04
CA LEU A 93 14.04 -3.67 16.10
C LEU A 93 15.29 -3.51 16.92
N GLY A 94 16.45 -3.51 16.26
CA GLY A 94 17.56 -2.93 16.97
C GLY A 94 18.97 -3.34 16.66
N THR A 95 19.17 -4.51 16.07
CA THR A 95 20.58 -4.94 15.90
C THR A 95 21.17 -4.62 14.52
N ILE A 96 20.34 -4.57 13.49
CA ILE A 96 20.84 -4.18 12.16
C ILE A 96 20.67 -2.67 11.93
N ALA A 97 21.47 -2.14 11.01
CA ALA A 97 21.65 -0.69 10.73
C ALA A 97 20.52 0.30 10.28
N LYS A 98 19.40 -0.13 9.70
CA LYS A 98 18.49 0.81 8.95
C LYS A 98 19.19 1.92 8.15
N SER A 99 19.07 1.83 6.84
CA SER A 99 19.66 2.78 5.91
C SER A 99 19.37 4.23 6.27
N GLY A 100 18.12 4.55 6.55
CA GLY A 100 17.72 5.94 6.83
C GLY A 100 18.01 6.57 8.19
N THR A 101 18.51 5.81 9.16
CA THR A 101 18.71 6.35 10.52
C THR A 101 19.55 7.63 10.55
N LYS A 102 20.85 7.51 10.26
CA LYS A 102 21.70 8.66 10.58
C LYS A 102 21.23 9.89 9.83
N ALA A 103 20.70 9.67 8.61
CA ALA A 103 20.20 10.73 7.76
C ALA A 103 18.99 11.43 8.36
N PHE A 104 18.19 10.66 9.10
CA PHE A 104 17.06 11.29 9.78
C PHE A 104 17.50 12.18 10.95
N MET A 105 18.43 11.73 11.77
CA MET A 105 19.01 12.54 12.85
C MET A 105 19.74 13.80 12.39
N GLU A 106 20.49 13.66 11.32
CA GLU A 106 21.26 14.77 10.78
C GLU A 106 20.21 15.73 10.21
N ALA A 107 19.17 15.18 9.61
CA ALA A 107 18.05 15.99 9.13
C ALA A 107 17.29 16.72 10.25
N LEU A 108 16.57 15.95 11.09
CA LEU A 108 15.94 16.48 12.30
C LEU A 108 16.66 17.68 12.86
N SER A 109 17.96 17.55 13.07
CA SER A 109 18.75 18.62 13.64
C SER A 109 19.04 19.81 12.68
N ALA A 110 18.15 19.99 11.71
CA ALA A 110 18.15 21.18 10.86
C ALA A 110 16.70 21.62 10.63
N GLY A 111 15.79 21.07 11.42
CA GLY A 111 14.44 21.55 11.43
C GLY A 111 13.46 20.68 10.72
N ALA A 112 13.87 19.49 10.27
CA ALA A 112 12.85 18.59 9.71
C ALA A 112 11.66 18.42 10.70
N ASP A 113 10.40 18.43 10.23
CA ASP A 113 9.20 18.04 11.05
C ASP A 113 9.41 16.54 11.39
N VAL A 114 8.86 16.03 12.49
CA VAL A 114 9.26 14.67 12.83
C VAL A 114 8.37 13.69 12.07
N SER A 115 7.33 14.24 11.51
CA SER A 115 6.45 13.53 10.58
C SER A 115 7.28 12.91 9.48
N MET A 116 8.49 13.47 9.27
CA MET A 116 9.39 13.00 8.25
C MET A 116 9.98 11.64 8.56
N ILE A 117 9.94 11.27 9.84
CA ILE A 117 10.59 10.05 10.37
C ILE A 117 10.27 8.80 9.55
N GLY A 118 8.99 8.63 9.21
CA GLY A 118 8.57 7.56 8.34
C GLY A 118 9.20 7.48 6.97
N GLN A 119 9.49 8.65 6.35
CA GLN A 119 10.15 8.72 5.03
C GLN A 119 11.61 8.20 5.01
N PHE A 120 12.18 8.18 6.20
CA PHE A 120 13.50 7.59 6.47
C PHE A 120 13.48 6.11 6.89
N GLY A 121 12.27 5.59 7.14
CA GLY A 121 12.09 4.17 7.48
C GLY A 121 12.35 3.80 8.93
N VAL A 122 12.30 4.78 9.82
CA VAL A 122 12.57 4.56 11.24
C VAL A 122 11.42 5.02 12.14
N GLY A 123 10.22 5.07 11.56
CA GLY A 123 9.05 5.55 12.27
C GLY A 123 8.67 4.85 13.58
N PHE A 124 9.11 3.60 13.74
CA PHE A 124 8.83 2.89 14.98
C PHE A 124 9.29 3.66 16.22
N TYR A 125 10.47 4.32 16.11
CA TYR A 125 11.05 4.91 17.30
C TYR A 125 10.34 6.18 17.80
N SER A 126 9.47 6.74 16.96
CA SER A 126 8.56 7.79 17.41
C SER A 126 7.65 7.46 18.64
N LEU A 127 7.48 6.18 18.98
CA LEU A 127 6.68 5.85 20.18
C LEU A 127 7.28 6.44 21.47
N PHE A 128 8.60 6.73 21.50
CA PHE A 128 9.19 7.30 22.71
C PHE A 128 8.81 8.78 23.02
N LEU A 129 8.08 9.41 22.09
CA LEU A 129 7.42 10.71 22.36
C LEU A 129 6.43 10.60 23.51
N VAL A 130 5.65 9.50 23.51
CA VAL A 130 4.61 9.31 24.51
C VAL A 130 4.85 8.19 25.51
N ALA A 131 5.82 7.30 25.22
CA ALA A 131 5.97 6.09 26.02
C ALA A 131 7.37 6.06 26.61
N ASP A 132 7.52 5.64 27.86
CA ASP A 132 8.90 5.44 28.31
C ASP A 132 9.34 3.96 28.30
N ARG A 133 8.45 3.11 27.81
CA ARG A 133 8.78 1.69 27.71
C ARG A 133 7.80 1.11 26.69
N VAL A 134 8.27 0.07 25.98
CA VAL A 134 7.44 -0.57 24.99
C VAL A 134 7.73 -2.07 25.03
N GLN A 135 6.67 -2.87 24.85
CA GLN A 135 6.89 -4.25 24.52
C GLN A 135 6.29 -4.47 23.13
N VAL A 136 7.00 -5.21 22.28
CA VAL A 136 6.46 -5.62 21.00
C VAL A 136 6.27 -7.13 21.09
N ILE A 137 5.03 -7.57 21.03
CA ILE A 137 4.67 -8.97 21.18
C ILE A 137 4.34 -9.40 19.76
N SER A 138 5.01 -10.45 19.31
CA SER A 138 4.79 -10.81 17.90
C SER A 138 4.72 -12.33 17.69
N LYS A 139 3.89 -12.67 16.73
CA LYS A 139 3.71 -14.05 16.28
C LYS A 139 3.68 -14.15 14.77
N SER A 140 4.76 -14.71 14.25
CA SER A 140 4.83 -15.10 12.83
C SER A 140 4.36 -16.53 12.64
N ASN A 141 3.83 -16.83 11.46
CA ASN A 141 3.51 -18.20 11.18
C ASN A 141 4.74 -19.13 11.30
N ASP A 142 5.92 -18.57 11.17
CA ASP A 142 7.13 -19.38 11.16
C ASP A 142 7.83 -19.55 12.51
N ASP A 143 7.24 -19.00 13.57
CA ASP A 143 7.91 -19.11 14.86
C ASP A 143 6.88 -19.11 16.02
N GLU A 144 7.38 -19.29 17.24
CA GLU A 144 6.56 -19.13 18.45
C GLU A 144 6.32 -17.62 18.72
N GLN A 145 5.41 -17.32 19.66
CA GLN A 145 5.17 -15.90 20.08
C GLN A 145 6.31 -15.45 20.96
N TYR A 146 6.84 -14.23 20.71
CA TYR A 146 7.96 -13.67 21.48
C TYR A 146 7.61 -12.23 21.89
N ILE A 147 8.33 -11.77 22.91
CA ILE A 147 8.18 -10.42 23.44
C ILE A 147 9.53 -9.69 23.37
N TRP A 148 9.57 -8.61 22.61
CA TRP A 148 10.74 -7.69 22.57
C TRP A 148 10.44 -6.54 23.54
N GLU A 149 11.39 -6.15 24.39
CA GLU A 149 11.05 -5.03 25.29
C GLU A 149 12.21 -4.05 25.38
N SER A 150 11.87 -2.76 25.47
CA SER A 150 12.90 -1.69 25.56
C SER A 150 12.39 -0.52 26.39
N ASN A 151 13.28 0.05 27.19
CA ASN A 151 12.97 1.29 27.88
C ASN A 151 13.87 2.46 27.40
N ALA A 152 14.31 2.38 26.16
CA ALA A 152 15.14 3.37 25.48
C ALA A 152 16.54 3.48 26.09
N GLY A 153 16.94 2.53 26.93
CA GLY A 153 18.34 2.43 27.35
C GLY A 153 19.07 1.68 26.24
N GLY A 154 20.33 1.34 26.49
CA GLY A 154 21.17 0.69 25.48
C GLY A 154 20.97 -0.79 25.16
N SER A 155 20.18 -1.49 26.00
CA SER A 155 19.89 -2.90 25.73
C SER A 155 18.38 -3.15 25.62
N PHE A 156 18.03 -4.21 24.91
CA PHE A 156 16.62 -4.70 24.85
C PHE A 156 16.64 -6.21 25.17
N THR A 157 15.48 -6.73 25.52
CA THR A 157 15.37 -8.14 25.80
C THR A 157 14.38 -8.75 24.82
N VAL A 158 14.57 -10.04 24.58
CA VAL A 158 13.62 -10.86 23.81
C VAL A 158 13.38 -12.14 24.63
N THR A 159 12.09 -12.46 24.81
CA THR A 159 11.69 -13.56 25.67
C THR A 159 10.56 -14.33 24.99
N LEU A 160 10.63 -15.66 25.05
CA LEU A 160 9.55 -16.52 24.59
C LEU A 160 8.32 -16.18 25.42
N ASP A 161 7.18 -15.99 24.76
CA ASP A 161 5.98 -15.44 25.42
C ASP A 161 5.14 -16.54 26.07
N GLU A 162 5.18 -16.59 27.38
CA GLU A 162 4.32 -17.50 28.13
C GLU A 162 3.37 -16.72 29.06
N VAL A 163 3.15 -15.43 28.73
CA VAL A 163 2.41 -14.53 29.61
C VAL A 163 1.25 -13.72 29.01
N ASN A 164 1.20 -13.58 27.68
CA ASN A 164 0.27 -12.65 27.08
C ASN A 164 -0.71 -13.54 26.34
N GLU A 165 -1.85 -12.95 26.02
CA GLU A 165 -2.85 -13.66 25.19
C GLU A 165 -2.19 -14.09 23.90
N ARG A 166 -2.68 -15.22 23.35
CA ARG A 166 -2.24 -15.72 22.04
C ARG A 166 -2.71 -14.79 20.94
N ILE A 167 -1.80 -14.47 20.05
CA ILE A 167 -2.20 -13.70 18.92
C ILE A 167 -2.18 -14.83 17.86
N GLY A 168 -3.16 -14.91 17.03
CA GLY A 168 -3.15 -15.97 16.00
C GLY A 168 -1.94 -15.74 15.11
N ARG A 169 -1.81 -14.50 14.70
CA ARG A 169 -0.71 -14.02 13.85
C ARG A 169 -0.69 -12.51 13.93
N GLY A 170 0.50 -11.90 13.94
CA GLY A 170 0.63 -10.46 13.91
C GLY A 170 1.41 -9.91 15.06
N THR A 171 1.15 -8.66 15.42
CA THR A 171 2.03 -8.00 16.37
C THR A 171 1.16 -7.09 17.24
N ILE A 172 1.51 -7.02 18.52
CA ILE A 172 0.95 -6.02 19.39
C ILE A 172 2.07 -5.08 19.84
N LEU A 173 1.89 -3.78 19.64
CA LEU A 173 2.73 -2.79 20.33
C LEU A 173 2.03 -2.40 21.59
N ARG A 174 2.72 -2.64 22.69
CA ARG A 174 2.22 -2.31 24.00
C ARG A 174 3.03 -1.13 24.54
N LEU A 175 2.41 0.05 24.48
CA LEU A 175 3.03 1.30 24.95
C LEU A 175 2.72 1.58 26.41
N PHE A 176 3.77 1.81 27.21
CA PHE A 176 3.64 2.24 28.61
C PHE A 176 3.80 3.74 28.65
N LEU A 177 2.66 4.42 28.78
CA LEU A 177 2.59 5.86 28.53
C LEU A 177 3.26 6.62 29.65
N LYS A 178 3.85 7.76 29.29
CA LYS A 178 4.40 8.70 30.26
C LYS A 178 3.25 9.28 31.09
N ASP A 179 3.50 9.60 32.36
CA ASP A 179 2.48 10.18 33.29
C ASP A 179 1.79 11.43 32.79
N ASP A 180 2.46 12.14 31.90
CA ASP A 180 1.94 13.38 31.33
C ASP A 180 1.22 13.16 30.01
N GLN A 181 1.14 11.91 29.57
CA GLN A 181 0.64 11.60 28.26
C GLN A 181 -0.61 10.72 28.24
N LEU A 182 -1.31 10.70 29.38
CA LEU A 182 -2.41 9.76 29.63
C LEU A 182 -3.62 10.10 28.78
N GLU A 183 -3.56 11.23 28.06
CA GLU A 183 -4.66 11.63 27.18
C GLU A 183 -4.87 10.59 26.08
N TYR A 184 -3.79 9.94 25.61
CA TYR A 184 -3.92 8.98 24.51
C TYR A 184 -4.64 7.68 24.90
N LEU A 185 -5.12 7.62 26.14
CA LEU A 185 -6.01 6.52 26.61
C LEU A 185 -7.47 6.84 26.39
N GLU A 186 -7.73 8.06 25.92
CA GLU A 186 -9.08 8.59 25.80
C GLU A 186 -9.71 8.34 24.44
N GLU A 187 -10.90 7.76 24.48
CA GLU A 187 -11.59 7.42 23.25
C GLU A 187 -11.67 8.59 22.25
N LYS A 188 -12.13 9.76 22.71
CA LYS A 188 -12.26 10.93 21.82
C LYS A 188 -10.92 11.37 21.20
N ARG A 189 -9.90 11.47 22.06
CA ARG A 189 -8.52 11.79 21.64
C ARG A 189 -8.03 10.82 20.54
N ILE A 190 -8.20 9.53 20.79
CA ILE A 190 -7.76 8.56 19.81
C ILE A 190 -8.47 8.69 18.47
N LYS A 191 -9.82 8.84 18.47
CA LYS A 191 -10.51 8.95 17.17
C LYS A 191 -10.09 10.20 16.43
N GLU A 192 -9.90 11.26 17.19
CA GLU A 192 -9.47 12.56 16.64
C GLU A 192 -8.09 12.46 15.95
N VAL A 193 -7.16 11.75 16.59
CA VAL A 193 -5.81 11.56 16.01
C VAL A 193 -5.87 10.64 14.77
N ILE A 194 -6.68 9.57 14.83
CA ILE A 194 -6.85 8.69 13.68
C ILE A 194 -7.47 9.32 12.41
N LYS A 195 -8.55 10.10 12.59
CA LYS A 195 -9.22 10.69 11.42
C LYS A 195 -8.31 11.65 10.65
N ARG A 196 -7.50 12.39 11.41
CA ARG A 196 -6.54 13.33 10.80
C ARG A 196 -5.47 12.68 9.92
N HIS A 197 -4.88 11.59 10.39
CA HIS A 197 -3.66 11.09 9.74
C HIS A 197 -3.75 9.72 9.09
N SER A 198 -4.79 8.97 9.37
CA SER A 198 -4.97 7.67 8.76
C SER A 198 -6.22 7.48 7.92
N GLU A 199 -6.56 8.47 7.07
CA GLU A 199 -7.78 8.37 6.26
C GLU A 199 -7.82 7.21 5.26
N PHE A 200 -6.71 7.03 4.54
CA PHE A 200 -6.69 6.03 3.50
C PHE A 200 -5.94 4.85 4.06
N VAL A 201 -6.36 4.44 5.23
CA VAL A 201 -5.91 3.16 5.66
C VAL A 201 -6.93 2.18 5.08
N ALA A 202 -6.44 1.12 4.48
CA ALA A 202 -7.28 0.18 3.80
C ALA A 202 -7.94 -0.87 4.67
N TYR A 203 -7.56 -0.92 5.95
CA TYR A 203 -8.04 -1.98 6.86
C TYR A 203 -8.92 -1.34 7.92
N PRO A 204 -9.87 -2.11 8.49
CA PRO A 204 -10.66 -1.57 9.63
C PRO A 204 -9.71 -1.22 10.77
N ILE A 205 -9.89 -0.01 11.32
CA ILE A 205 -9.22 0.40 12.55
C ILE A 205 -10.25 0.33 13.65
N GLN A 206 -10.11 -0.69 14.49
CA GLN A 206 -11.05 -0.99 15.57
C GLN A 206 -10.56 -0.29 16.85
N LEU A 207 -11.49 0.31 17.60
CA LEU A 207 -11.17 0.88 18.90
C LEU A 207 -11.93 0.11 19.95
N VAL A 208 -11.21 -0.39 20.97
CA VAL A 208 -11.82 -1.13 22.05
C VAL A 208 -12.07 -0.24 23.23
N VAL A 209 -13.36 -0.10 23.55
CA VAL A 209 -13.80 0.87 24.54
C VAL A 209 -14.45 0.08 25.67
N THR A 210 -14.15 0.49 26.91
CA THR A 210 -14.81 -0.12 28.06
C THR A 210 -15.88 0.83 28.63
N LYS A 211 -17.11 0.33 28.82
CA LYS A 211 -18.22 1.12 29.32
C LYS A 211 -18.89 0.42 30.52
N GLU A 212 -19.10 1.18 31.59
CA GLU A 212 -19.86 0.67 32.72
C GLU A 212 -21.32 0.54 32.34
N VAL A 213 -21.95 -0.54 32.77
CA VAL A 213 -23.36 -0.71 32.52
C VAL A 213 -24.04 0.00 33.71
N GLU A 214 -24.97 0.91 33.40
CA GLU A 214 -25.60 1.76 34.43
C GLU A 214 -26.87 2.39 33.90
N MET B 1 -2.33 17.83 -35.14
CA MET B 1 -1.74 17.27 -33.87
C MET B 1 -1.22 15.82 -34.05
N ALA B 2 0.06 15.74 -34.41
CA ALA B 2 0.62 14.49 -34.95
C ALA B 2 0.99 13.49 -33.85
N SER B 3 0.73 12.22 -34.15
CA SER B 3 1.11 11.08 -33.34
C SER B 3 2.59 10.82 -33.50
N GLU B 4 3.24 10.26 -32.49
CA GLU B 4 4.55 9.64 -32.65
C GLU B 4 4.38 8.15 -32.46
N THR B 5 5.09 7.36 -33.27
CA THR B 5 4.96 5.90 -33.21
C THR B 5 6.25 5.29 -32.66
N PHE B 6 6.10 4.32 -31.77
CA PHE B 6 7.25 3.68 -31.11
C PHE B 6 7.12 2.18 -31.22
N GLU B 7 8.25 1.46 -31.19
CA GLU B 7 8.21 -0.01 -31.18
C GLU B 7 8.30 -0.55 -29.77
N PHE B 8 7.51 -1.59 -29.47
CA PHE B 8 7.56 -2.25 -28.17
C PHE B 8 8.86 -3.05 -27.97
N GLN B 9 9.40 -3.10 -26.75
CA GLN B 9 10.45 -4.12 -26.46
C GLN B 9 9.96 -5.49 -26.90
N ALA B 10 10.92 -6.29 -27.37
CA ALA B 10 10.59 -7.57 -27.96
C ALA B 10 9.79 -8.48 -27.05
N GLU B 11 10.19 -8.63 -25.79
CA GLU B 11 9.52 -9.58 -24.89
C GLU B 11 8.14 -9.08 -24.46
N ILE B 12 7.85 -7.79 -24.69
CA ILE B 12 6.53 -7.22 -24.35
C ILE B 12 5.54 -7.55 -25.44
N THR B 13 5.97 -7.40 -26.69
CA THR B 13 5.16 -7.84 -27.81
C THR B 13 4.89 -9.36 -27.70
N GLN B 14 5.89 -10.11 -27.18
CA GLN B 14 5.77 -11.55 -26.90
C GLN B 14 4.75 -11.81 -25.81
N LEU B 15 4.95 -11.15 -24.66
CA LEU B 15 4.01 -11.24 -23.52
C LEU B 15 2.62 -10.90 -23.96
N MET B 16 2.46 -9.80 -24.69
CA MET B 16 1.15 -9.43 -25.19
C MET B 16 0.57 -10.63 -25.91
N SER B 17 1.32 -11.23 -26.83
N SER B 17 1.14 -10.95 -27.08
CA SER B 17 0.79 -12.39 -27.54
CA SER B 17 0.36 -11.52 -28.22
C SER B 17 0.37 -13.57 -26.65
C SER B 17 -0.43 -12.76 -27.86
N LEU B 18 1.20 -13.93 -25.68
N LEU B 18 0.12 -13.55 -26.95
CA LEU B 18 0.88 -15.03 -24.77
CA LEU B 18 -0.67 -14.66 -26.49
C LEU B 18 -0.38 -14.81 -23.93
C LEU B 18 -1.95 -14.19 -25.84
N ILE B 19 -0.53 -13.59 -23.41
N ILE B 19 -1.91 -13.03 -25.17
CA ILE B 19 -1.73 -13.23 -22.65
CA ILE B 19 -3.04 -12.64 -24.35
C ILE B 19 -2.98 -13.38 -23.51
C ILE B 19 -4.28 -12.33 -25.17
N ILE B 20 -2.98 -12.76 -24.68
N ILE B 20 -4.13 -11.60 -26.27
CA ILE B 20 -4.20 -12.82 -25.48
CA ILE B 20 -5.35 -11.21 -26.99
C ILE B 20 -4.46 -14.20 -26.09
C ILE B 20 -5.94 -12.47 -27.62
N ASN B 21 -3.39 -14.97 -26.29
N ASN B 21 -5.08 -13.43 -27.93
CA ASN B 21 -3.50 -16.27 -26.98
CA ASN B 21 -5.49 -14.71 -28.56
C ASN B 21 -3.57 -17.52 -26.13
C ASN B 21 -5.45 -15.90 -27.62
N THR B 22 -3.09 -17.49 -24.88
N THR B 22 -5.74 -15.69 -26.35
CA THR B 22 -2.99 -18.77 -24.12
CA THR B 22 -5.75 -16.80 -25.43
C THR B 22 -3.72 -18.80 -22.77
C THR B 22 -7.17 -17.24 -25.24
N VAL B 23 -4.59 -17.82 -22.59
N VAL B 23 -7.33 -18.55 -25.11
CA VAL B 23 -5.32 -17.47 -21.37
CA VAL B 23 -8.63 -19.16 -24.93
C VAL B 23 -6.39 -18.44 -20.83
C VAL B 23 -8.96 -19.29 -23.46
N TYR B 24 -7.61 -18.20 -21.30
N TYR B 24 -8.15 -18.71 -22.59
CA TYR B 24 -8.75 -19.02 -21.00
CA TYR B 24 -8.37 -18.99 -21.18
C TYR B 24 -9.52 -18.69 -19.72
C TYR B 24 -9.63 -18.40 -20.54
N SER B 25 -8.85 -18.60 -18.56
N SER B 25 -10.14 -19.16 -19.59
CA SER B 25 -9.60 -18.48 -17.30
CA SER B 25 -11.29 -18.78 -18.83
C SER B 25 -9.15 -17.37 -16.33
C SER B 25 -10.85 -17.69 -17.87
N ASN B 26 -10.08 -16.97 -15.46
N ASN B 26 -11.78 -17.21 -17.09
CA ASN B 26 -9.81 -15.94 -14.46
CA ASN B 26 -11.46 -16.30 -16.02
C ASN B 26 -9.47 -14.64 -15.15
C ASN B 26 -10.95 -14.96 -16.50
N LYS B 27 -10.06 -14.42 -16.34
N LYS B 27 -11.58 -14.41 -17.54
CA LYS B 27 -9.83 -13.15 -17.09
CA LYS B 27 -11.11 -13.17 -18.13
C LYS B 27 -10.48 -11.96 -16.42
C LYS B 27 -11.24 -11.93 -17.24
N GLU B 28 -11.74 -12.10 -16.00
CA GLU B 28 -12.26 -11.00 -15.14
C GLU B 28 -11.10 -10.52 -14.23
N ILE B 29 -10.04 -11.32 -14.14
CA ILE B 29 -8.84 -10.90 -13.41
C ILE B 29 -8.22 -9.54 -13.92
N PHE B 30 -8.53 -9.18 -15.16
CA PHE B 30 -8.02 -7.94 -15.75
C PHE B 30 -8.37 -6.75 -14.81
N LEU B 31 -9.56 -6.83 -14.19
CA LEU B 31 -9.99 -5.68 -13.37
C LEU B 31 -9.22 -5.53 -12.08
N ARG B 32 -8.91 -6.64 -11.39
CA ARG B 32 -8.07 -6.42 -10.19
C ARG B 32 -6.70 -5.85 -10.48
N GLU B 33 -6.14 -6.23 -11.64
CA GLU B 33 -4.83 -5.70 -12.06
C GLU B 33 -4.90 -4.19 -12.25
N ILE B 34 -5.93 -3.75 -12.97
CA ILE B 34 -6.23 -2.31 -13.18
C ILE B 34 -6.44 -1.52 -11.90
N VAL B 35 -7.25 -2.08 -11.02
CA VAL B 35 -7.49 -1.43 -9.79
C VAL B 35 -6.26 -1.43 -8.92
N SER B 36 -5.48 -2.51 -9.00
CA SER B 36 -4.24 -2.60 -8.23
C SER B 36 -3.27 -1.50 -8.70
N ASN B 37 -3.14 -1.35 -10.03
CA ASN B 37 -2.20 -0.35 -10.57
C ASN B 37 -2.68 1.04 -10.18
N ALA B 38 -3.99 1.25 -10.27
CA ALA B 38 -4.58 2.53 -9.86
C ALA B 38 -4.37 2.85 -8.39
N SER B 39 -4.57 1.85 -7.54
CA SER B 39 -4.27 1.98 -6.12
C SER B 39 -2.80 2.34 -5.89
N ASP B 40 -1.87 1.62 -6.53
CA ASP B 40 -0.44 1.95 -6.38
C ASP B 40 -0.14 3.37 -6.85
N ALA B 41 -0.75 3.78 -7.96
CA ALA B 41 -0.52 5.16 -8.44
C ALA B 41 -1.03 6.19 -7.44
N LEU B 42 -2.15 5.88 -6.81
CA LEU B 42 -2.67 6.74 -5.77
C LEU B 42 -1.74 6.69 -4.53
N ASP B 43 -1.25 5.50 -4.20
CA ASP B 43 -0.23 5.41 -3.10
C ASP B 43 0.91 6.36 -3.41
N LYS B 44 1.40 6.38 -4.65
CA LYS B 44 2.55 7.21 -5.01
C LYS B 44 2.30 8.69 -4.83
N ILE B 45 1.15 9.20 -5.28
CA ILE B 45 0.87 10.62 -5.13
C ILE B 45 0.63 11.03 -3.67
N ARG B 46 0.04 10.13 -2.88
CA ARG B 46 -0.13 10.47 -1.47
C ARG B 46 1.23 10.48 -0.79
N TYR B 47 2.05 9.48 -1.07
CA TYR B 47 3.39 9.42 -0.47
C TYR B 47 4.20 10.67 -0.84
N LYS B 48 4.17 11.02 -2.14
CA LYS B 48 4.91 12.18 -2.61
C LYS B 48 4.37 13.46 -1.98
N SER B 49 3.07 13.48 -1.72
CA SER B 49 2.40 14.65 -1.13
C SER B 49 2.86 14.92 0.33
N LEU B 50 3.42 13.91 1.01
CA LEU B 50 3.83 14.08 2.40
C LEU B 50 4.88 15.18 2.52
N SER B 51 5.77 15.29 1.54
CA SER B 51 6.82 16.33 1.60
C SER B 51 6.61 17.40 0.53
N ASP B 52 5.63 17.18 -0.34
CA ASP B 52 5.26 18.17 -1.35
C ASP B 52 3.72 18.18 -1.43
N PRO B 53 3.03 18.78 -0.42
CA PRO B 53 1.57 18.73 -0.32
C PRO B 53 0.87 19.32 -1.56
N LYS B 54 1.53 20.28 -2.21
CA LYS B 54 0.90 21.10 -3.25
C LYS B 54 0.78 20.27 -4.53
N GLN B 55 1.39 19.09 -4.53
CA GLN B 55 1.21 18.13 -5.61
C GLN B 55 -0.21 17.66 -5.65
N LEU B 56 -0.91 17.69 -4.52
CA LEU B 56 -2.33 17.24 -4.48
C LEU B 56 -3.32 18.22 -5.11
N GLU B 57 -2.93 19.48 -5.21
CA GLU B 57 -3.84 20.59 -5.55
C GLU B 57 -4.45 20.55 -6.96
N THR B 58 -3.77 19.86 -7.87
CA THR B 58 -4.24 19.67 -9.25
C THR B 58 -5.48 18.78 -9.31
N GLU B 59 -5.66 18.00 -8.22
CA GLU B 59 -6.81 17.11 -8.05
C GLU B 59 -6.86 16.53 -6.64
N PRO B 60 -7.55 17.24 -5.76
CA PRO B 60 -7.46 17.01 -4.30
C PRO B 60 -8.16 15.72 -3.89
N ASP B 61 -9.14 15.30 -4.68
CA ASP B 61 -9.87 14.10 -4.39
C ASP B 61 -9.11 12.89 -4.89
N LEU B 62 -8.97 11.89 -4.01
CA LEU B 62 -8.25 10.67 -4.31
C LEU B 62 -9.23 9.53 -4.54
N PHE B 63 -9.36 9.10 -5.79
CA PHE B 63 -10.41 8.16 -6.13
C PHE B 63 -10.02 7.22 -7.29
N ILE B 64 -10.74 6.11 -7.37
CA ILE B 64 -10.71 5.24 -8.54
C ILE B 64 -12.17 5.23 -9.07
N ARG B 65 -12.35 5.40 -10.39
CA ARG B 65 -13.69 5.65 -10.90
C ARG B 65 -13.86 4.80 -12.17
N ILE B 66 -14.90 3.99 -12.20
CA ILE B 66 -15.08 3.10 -13.33
C ILE B 66 -16.34 3.55 -14.07
N THR B 67 -16.21 3.77 -15.37
CA THR B 67 -17.28 4.33 -16.21
C THR B 67 -17.48 3.47 -17.46
N PRO B 68 -18.55 2.67 -17.48
CA PRO B 68 -18.97 1.93 -18.67
C PRO B 68 -19.47 2.92 -19.72
N LYS B 69 -19.05 2.76 -20.97
CA LYS B 69 -19.58 3.56 -22.08
C LYS B 69 -20.15 2.62 -23.18
N PRO B 70 -21.37 2.07 -22.94
CA PRO B 70 -21.94 0.97 -23.79
C PRO B 70 -22.08 1.29 -25.28
N GLU B 71 -22.50 2.49 -25.62
CA GLU B 71 -22.53 2.98 -27.00
C GLU B 71 -21.22 2.68 -27.75
N GLN B 72 -20.09 2.99 -27.12
CA GLN B 72 -18.78 2.78 -27.73
C GLN B 72 -18.15 1.41 -27.45
N LYS B 73 -18.80 0.57 -26.64
CA LYS B 73 -18.23 -0.69 -26.20
C LYS B 73 -16.89 -0.41 -25.51
N VAL B 74 -16.93 0.62 -24.66
CA VAL B 74 -15.73 1.06 -23.90
C VAL B 74 -15.96 0.95 -22.41
N LEU B 75 -14.91 0.57 -21.67
CA LEU B 75 -14.88 0.64 -20.21
C LEU B 75 -13.69 1.50 -19.83
N GLU B 76 -13.95 2.60 -19.08
CA GLU B 76 -12.85 3.48 -18.63
C GLU B 76 -12.61 3.24 -17.14
N ILE B 77 -11.34 3.26 -16.70
CA ILE B 77 -11.01 3.26 -15.26
C ILE B 77 -10.07 4.39 -15.03
N ARG B 78 -10.51 5.35 -14.23
CA ARG B 78 -9.77 6.57 -13.97
C ARG B 78 -9.22 6.50 -12.54
N ASP B 79 -8.02 7.00 -12.36
CA ASP B 79 -7.57 7.27 -11.02
C ASP B 79 -7.04 8.69 -10.99
N SER B 80 -7.00 9.27 -9.80
CA SER B 80 -6.38 10.57 -9.61
C SER B 80 -4.98 10.40 -8.94
N GLY B 81 -4.28 9.36 -9.34
CA GLY B 81 -2.91 9.12 -8.88
C GLY B 81 -1.89 10.05 -9.51
N ILE B 82 -0.66 9.54 -9.49
CA ILE B 82 0.49 10.38 -9.80
C ILE B 82 0.53 10.81 -11.26
N GLY B 83 -0.05 10.01 -12.13
CA GLY B 83 0.05 10.34 -13.58
C GLY B 83 1.43 10.01 -14.18
N MET B 84 1.50 10.11 -15.50
CA MET B 84 2.72 9.78 -16.24
C MET B 84 2.96 10.88 -17.25
N THR B 85 4.18 11.44 -17.27
CA THR B 85 4.60 12.35 -18.36
C THR B 85 4.73 11.60 -19.68
N LYS B 86 4.93 12.34 -20.77
CA LYS B 86 5.13 11.68 -22.07
C LYS B 86 6.25 10.62 -22.01
N ALA B 87 7.40 11.02 -21.46
CA ALA B 87 8.54 10.14 -21.32
C ALA B 87 8.19 8.89 -20.49
N GLU B 88 7.43 9.08 -19.42
CA GLU B 88 7.06 7.97 -18.51
C GLU B 88 6.09 7.04 -19.22
N LEU B 89 5.16 7.59 -20.00
CA LEU B 89 4.31 6.68 -20.79
C LEU B 89 5.13 5.79 -21.75
N ILE B 90 6.09 6.38 -22.43
CA ILE B 90 6.88 5.66 -23.44
C ILE B 90 7.72 4.60 -22.71
N ASN B 91 8.29 4.98 -21.58
CA ASN B 91 9.20 4.06 -20.85
C ASN B 91 8.41 2.94 -20.16
N ASN B 92 7.40 3.32 -19.38
CA ASN B 92 6.59 2.39 -18.58
C ASN B 92 5.70 1.44 -19.37
N LEU B 93 5.19 1.93 -20.50
CA LEU B 93 4.25 1.15 -21.23
C LEU B 93 4.80 0.67 -22.54
N GLY B 94 6.09 0.37 -22.56
CA GLY B 94 6.54 -0.52 -23.60
C GLY B 94 7.94 -0.45 -24.13
N THR B 95 8.67 0.63 -23.87
CA THR B 95 10.04 0.69 -24.46
C THR B 95 11.14 0.10 -23.56
N ILE B 96 11.01 0.23 -22.25
CA ILE B 96 11.99 -0.43 -21.37
C ILE B 96 11.57 -1.85 -20.96
N ALA B 97 12.58 -2.66 -20.60
CA ALA B 97 12.51 -4.12 -20.32
C ALA B 97 11.63 -4.84 -19.23
N LYS B 98 10.94 -4.16 -18.31
CA LYS B 98 10.35 -4.85 -17.12
C LYS B 98 11.05 -6.15 -16.70
N SER B 99 11.71 -6.08 -15.54
CA SER B 99 12.44 -7.20 -14.98
C SER B 99 11.65 -8.52 -15.00
N GLY B 100 10.37 -8.50 -14.63
CA GLY B 100 9.58 -9.75 -14.58
C GLY B 100 8.96 -10.36 -15.83
N THR B 101 9.08 -9.72 -17.01
CA THR B 101 8.37 -10.18 -18.24
C THR B 101 8.66 -11.59 -18.79
N LYS B 102 9.69 -11.70 -19.64
CA LYS B 102 10.03 -12.98 -20.27
C LYS B 102 9.78 -14.09 -19.27
N ALA B 103 10.12 -13.78 -18.02
CA ALA B 103 9.90 -14.69 -16.91
C ALA B 103 8.43 -15.11 -16.73
N PHE B 104 7.57 -14.14 -16.46
CA PHE B 104 6.15 -14.47 -16.33
C PHE B 104 5.69 -15.40 -17.48
N MET B 105 6.16 -15.15 -18.70
CA MET B 105 5.89 -16.02 -19.86
C MET B 105 6.40 -17.47 -19.73
N GLU B 106 7.63 -17.59 -19.30
CA GLU B 106 8.22 -18.90 -19.06
C GLU B 106 7.38 -19.56 -17.96
N ALA B 107 6.97 -18.80 -16.96
CA ALA B 107 6.11 -19.31 -15.90
C ALA B 107 4.73 -19.77 -16.38
N LEU B 108 3.93 -18.79 -16.86
CA LEU B 108 2.65 -19.07 -17.53
C LEU B 108 2.63 -20.36 -18.29
N SER B 109 3.64 -20.56 -19.14
CA SER B 109 3.70 -21.79 -19.93
C SER B 109 4.15 -23.04 -19.13
N ALA B 110 3.78 -23.06 -17.87
CA ALA B 110 3.93 -24.22 -17.01
C ALA B 110 2.74 -24.29 -16.03
N GLY B 111 1.72 -23.48 -16.28
CA GLY B 111 0.47 -23.59 -15.59
C GLY B 111 0.25 -22.58 -14.52
N ALA B 112 1.13 -21.56 -14.45
CA ALA B 112 0.84 -20.47 -13.52
C ALA B 112 -0.61 -19.95 -13.75
N ASP B 113 -1.39 -19.65 -12.69
CA ASP B 113 -2.67 -18.91 -12.81
C ASP B 113 -2.28 -17.48 -13.28
N VAL B 114 -3.14 -16.78 -14.03
CA VAL B 114 -2.65 -15.52 -14.63
C VAL B 114 -2.78 -14.44 -13.57
N SER B 115 -3.53 -14.76 -12.55
CA SER B 115 -3.56 -13.97 -11.34
C SER B 115 -2.15 -13.65 -10.91
N MET B 116 -1.20 -14.53 -11.28
CA MET B 116 0.19 -14.36 -10.93
C MET B 116 0.84 -13.15 -11.61
N ILE B 117 0.22 -12.66 -12.68
CA ILE B 117 0.82 -11.63 -13.57
C ILE B 117 1.30 -10.40 -12.79
N GLY B 118 0.47 -9.90 -11.88
CA GLY B 118 0.87 -8.84 -11.00
C GLY B 118 2.10 -9.05 -10.16
N GLN B 119 2.32 -10.29 -9.69
CA GLN B 119 3.54 -10.64 -8.91
C GLN B 119 4.88 -10.49 -9.68
N PHE B 120 4.76 -10.57 -11.01
CA PHE B 120 5.84 -10.30 -11.96
C PHE B 120 5.97 -8.84 -12.42
N GLY B 121 5.01 -8.01 -12.01
CA GLY B 121 5.06 -6.57 -12.31
C GLY B 121 4.60 -6.17 -13.71
N VAL B 122 3.84 -7.05 -14.36
CA VAL B 122 3.41 -6.80 -15.72
C VAL B 122 1.89 -6.90 -15.89
N GLY B 123 1.19 -6.70 -14.75
CA GLY B 123 -0.23 -6.76 -14.71
C GLY B 123 -1.02 -5.87 -15.69
N PHE B 124 -0.44 -4.75 -16.12
CA PHE B 124 -1.10 -3.91 -17.10
C PHE B 124 -1.53 -4.70 -18.32
N TYR B 125 -0.67 -5.64 -18.76
CA TYR B 125 -0.97 -6.29 -20.05
C TYR B 125 -2.12 -7.31 -20.02
N SER B 126 -2.53 -7.72 -18.82
CA SER B 126 -3.79 -8.44 -18.66
C SER B 126 -5.06 -7.78 -19.28
N LEU B 127 -5.08 -6.47 -19.56
CA LEU B 127 -6.27 -5.89 -20.21
C LEU B 127 -6.60 -6.51 -21.59
N PHE B 128 -5.57 -7.10 -22.25
CA PHE B 128 -5.79 -7.73 -23.51
C PHE B 128 -6.61 -9.06 -23.45
N LEU B 129 -6.88 -9.54 -22.22
CA LEU B 129 -7.90 -10.60 -22.03
C LEU B 129 -9.28 -10.18 -22.53
N VAL B 130 -9.65 -8.90 -22.28
CA VAL B 130 -10.98 -8.40 -22.63
C VAL B 130 -11.06 -7.31 -23.70
N ALA B 131 -9.91 -6.69 -24.02
CA ALA B 131 -9.91 -5.52 -24.89
C ALA B 131 -9.06 -5.83 -26.11
N ASP B 132 -9.46 -5.38 -27.29
CA ASP B 132 -8.50 -5.49 -28.39
C ASP B 132 -7.77 -4.16 -28.71
N ARG B 133 -7.99 -3.14 -27.90
CA ARG B 133 -7.34 -1.85 -28.12
C ARG B 133 -7.47 -1.14 -26.77
N VAL B 134 -6.49 -0.28 -26.48
CA VAL B 134 -6.50 0.46 -25.22
C VAL B 134 -5.88 1.83 -25.51
N GLN B 135 -6.45 2.85 -24.87
CA GLN B 135 -5.78 4.11 -24.81
C GLN B 135 -5.52 4.37 -23.34
N VAL B 136 -4.31 4.83 -23.05
CA VAL B 136 -3.97 5.25 -21.71
C VAL B 136 -3.79 6.78 -21.75
N ILE B 137 -4.69 7.51 -21.13
CA ILE B 137 -4.71 8.98 -21.16
C ILE B 137 -4.11 9.40 -19.81
N SER B 138 -3.06 10.20 -19.84
CA SER B 138 -2.43 10.51 -18.53
C SER B 138 -2.01 11.97 -18.44
N LYS B 139 -2.14 12.45 -17.22
CA LYS B 139 -1.68 13.81 -16.83
C LYS B 139 -0.91 13.78 -15.52
N SER B 140 0.38 14.00 -15.69
CA SER B 140 1.27 14.28 -14.55
C SER B 140 1.33 15.76 -14.27
N ASN B 141 1.54 16.13 -13.00
CA ASN B 141 1.77 17.52 -12.69
C ASN B 141 2.97 18.11 -13.46
N ASP B 142 3.85 17.25 -13.93
CA ASP B 142 5.06 17.71 -14.58
C ASP B 142 5.00 17.78 -16.10
N ASP B 143 3.85 17.45 -16.68
CA ASP B 143 3.76 17.50 -18.14
C ASP B 143 2.33 17.84 -18.59
N GLU B 144 2.15 18.01 -19.89
CA GLU B 144 0.83 18.13 -20.51
C GLU B 144 0.11 16.74 -20.52
N GLN B 145 -1.17 16.74 -20.85
CA GLN B 145 -1.97 15.48 -20.99
C GLN B 145 -1.57 14.81 -22.30
N TYR B 146 -1.32 13.48 -22.26
CA TYR B 146 -0.94 12.69 -23.43
C TYR B 146 -1.80 11.42 -23.52
N ILE B 147 -1.88 10.87 -24.73
CA ILE B 147 -2.60 9.62 -24.98
C ILE B 147 -1.62 8.59 -25.55
N TRP B 148 -1.48 7.46 -24.86
CA TRP B 148 -0.74 6.30 -25.36
C TRP B 148 -1.77 5.34 -25.95
N GLU B 149 -1.50 4.76 -27.12
CA GLU B 149 -2.53 3.83 -27.65
C GLU B 149 -1.87 2.60 -28.26
N SER B 150 -2.50 1.44 -28.08
CA SER B 150 -1.97 0.16 -28.59
C SER B 150 -3.11 -0.77 -28.96
N ASN B 151 -2.93 -1.49 -30.05
CA ASN B 151 -3.90 -2.52 -30.41
C ASN B 151 -3.23 -3.90 -30.39
N ALA B 152 -2.22 -4.06 -29.55
CA ALA B 152 -1.44 -5.30 -29.34
C ALA B 152 -0.58 -5.70 -30.55
N GLY B 153 -0.44 -4.81 -31.53
CA GLY B 153 0.52 -5.06 -32.62
C GLY B 153 1.85 -4.56 -32.10
N GLY B 154 2.87 -4.61 -32.94
CA GLY B 154 4.23 -4.23 -32.53
C GLY B 154 4.58 -2.77 -32.29
N SER B 155 3.67 -1.84 -32.65
CA SER B 155 3.92 -0.43 -32.38
C SER B 155 2.79 0.19 -31.54
N PHE B 156 3.14 1.23 -30.80
CA PHE B 156 2.14 2.08 -30.09
C PHE B 156 2.38 3.54 -30.49
N THR B 157 1.38 4.38 -30.24
CA THR B 157 1.52 5.78 -30.53
C THR B 157 1.38 6.56 -29.22
N VAL B 158 2.01 7.72 -29.19
CA VAL B 158 1.78 8.69 -28.13
C VAL B 158 1.49 10.06 -28.78
N THR B 159 0.41 10.66 -28.35
CA THR B 159 -0.09 11.93 -28.92
C THR B 159 -0.42 12.95 -27.81
N LEU B 160 -0.04 14.22 -28.02
CA LEU B 160 -0.49 15.27 -27.13
C LEU B 160 -2.03 15.30 -27.19
N ASP B 161 -2.66 15.37 -26.02
CA ASP B 161 -4.12 15.21 -25.96
C ASP B 161 -4.87 16.51 -26.18
N GLU B 162 -5.53 16.63 -27.31
CA GLU B 162 -6.38 17.80 -27.54
C GLU B 162 -7.83 17.37 -27.78
N VAL B 163 -8.16 16.15 -27.32
CA VAL B 163 -9.46 15.53 -27.64
C VAL B 163 -10.29 14.99 -26.49
N ASN B 164 -9.67 14.73 -25.32
CA ASN B 164 -10.39 14.06 -24.26
C ASN B 164 -10.61 15.12 -23.19
N GLU B 165 -11.53 14.78 -22.30
CA GLU B 165 -11.71 15.64 -21.09
C GLU B 165 -10.41 15.82 -20.37
N ARG B 166 -10.23 17.01 -19.78
CA ARG B 166 -9.10 17.28 -18.87
C ARG B 166 -9.18 16.42 -17.63
N ILE B 167 -8.06 15.84 -17.29
CA ILE B 167 -8.09 15.16 -16.05
C ILE B 167 -7.19 16.12 -15.23
N GLY B 168 -7.53 16.39 -14.01
CA GLY B 168 -6.70 17.33 -13.25
C GLY B 168 -5.32 16.75 -13.07
N ARG B 169 -5.31 15.51 -12.66
CA ARG B 169 -4.08 14.72 -12.48
C ARG B 169 -4.51 13.26 -12.48
N GLY B 170 -3.68 12.38 -13.04
CA GLY B 170 -3.92 10.95 -12.99
C GLY B 170 -4.00 10.30 -14.36
N THR B 171 -4.70 9.18 -14.44
CA THR B 171 -4.64 8.36 -15.64
C THR B 171 -6.02 7.74 -15.87
N ILE B 172 -6.44 7.69 -17.14
CA ILE B 172 -7.59 6.92 -17.51
C ILE B 172 -7.10 5.79 -18.40
N LEU B 173 -7.49 4.57 -18.04
CA LEU B 173 -7.42 3.45 -18.96
C LEU B 173 -8.73 3.33 -19.70
N ARG B 174 -8.66 3.46 -21.00
CA ARG B 174 -9.82 3.34 -21.84
C ARG B 174 -9.75 2.04 -22.65
N LEU B 175 -10.55 1.06 -22.20
CA LEU B 175 -10.61 -0.27 -22.85
C LEU B 175 -11.69 -0.35 -23.91
N PHE B 176 -11.29 -0.79 -25.12
CA PHE B 176 -12.21 -1.05 -26.22
C PHE B 176 -12.47 -2.54 -26.19
N LEU B 177 -13.64 -2.90 -25.66
CA LEU B 177 -13.89 -4.30 -25.30
C LEU B 177 -14.14 -5.11 -26.55
N LYS B 178 -13.73 -6.38 -26.49
CA LYS B 178 -14.06 -7.34 -27.54
C LYS B 178 -15.58 -7.53 -27.66
N ASP B 179 -16.09 -7.85 -28.86
CA ASP B 179 -17.56 -8.02 -29.12
C ASP B 179 -18.23 -9.08 -28.26
N ASP B 180 -17.41 -10.00 -27.76
CA ASP B 180 -17.90 -11.10 -26.93
C ASP B 180 -17.69 -10.84 -25.46
N GLN B 181 -17.22 -9.64 -25.12
CA GLN B 181 -16.86 -9.37 -23.74
C GLN B 181 -17.67 -8.23 -23.14
N LEU B 182 -18.78 -7.89 -23.80
CA LEU B 182 -19.58 -6.72 -23.47
C LEU B 182 -20.21 -6.81 -22.09
N GLU B 183 -20.08 -7.95 -21.43
CA GLU B 183 -20.63 -8.12 -20.09
C GLU B 183 -20.00 -7.13 -19.10
N TYR B 184 -18.71 -6.81 -19.27
CA TYR B 184 -18.03 -5.91 -18.33
C TYR B 184 -18.49 -4.45 -18.40
N LEU B 185 -19.49 -4.19 -19.25
CA LEU B 185 -20.20 -2.89 -19.29
C LEU B 185 -21.35 -2.85 -18.27
N GLU B 186 -21.67 -3.99 -17.70
CA GLU B 186 -22.85 -4.14 -16.82
C GLU B 186 -22.59 -3.83 -15.36
N GLU B 187 -23.43 -2.96 -14.81
CA GLU B 187 -23.27 -2.57 -13.42
C GLU B 187 -23.13 -3.76 -12.47
N LYS B 188 -24.05 -4.73 -12.55
CA LYS B 188 -24.00 -5.87 -11.64
C LYS B 188 -22.69 -6.68 -11.79
N ARG B 189 -22.34 -6.96 -13.05
CA ARG B 189 -21.09 -7.67 -13.39
C ARG B 189 -19.87 -6.97 -12.77
N ILE B 190 -19.78 -5.64 -12.93
CA ILE B 190 -18.67 -4.91 -12.37
C ILE B 190 -18.60 -4.94 -10.86
N LYS B 191 -19.75 -4.76 -10.17
CA LYS B 191 -19.68 -4.75 -8.71
C LYS B 191 -19.27 -6.12 -8.17
N GLU B 192 -19.76 -7.16 -8.83
CA GLU B 192 -19.43 -8.54 -8.48
C GLU B 192 -17.92 -8.85 -8.61
N VAL B 193 -17.32 -8.39 -9.73
CA VAL B 193 -15.87 -8.58 -9.92
C VAL B 193 -15.09 -7.75 -8.89
N ILE B 194 -15.53 -6.50 -8.62
CA ILE B 194 -14.85 -5.69 -7.61
C ILE B 194 -14.88 -6.21 -6.16
N LYS B 195 -16.06 -6.64 -5.70
CA LYS B 195 -16.18 -7.14 -4.32
C LYS B 195 -15.34 -8.40 -4.13
N ARG B 196 -15.32 -9.24 -5.18
CA ARG B 196 -14.59 -10.50 -5.10
C ARG B 196 -13.06 -10.34 -5.03
N HIS B 197 -12.51 -9.35 -5.74
CA HIS B 197 -11.04 -9.26 -5.89
C HIS B 197 -10.39 -7.99 -5.38
N SER B 198 -11.17 -6.94 -5.16
CA SER B 198 -10.59 -5.68 -4.76
C SER B 198 -11.08 -5.18 -3.38
N GLU B 199 -11.19 -6.11 -2.42
CA GLU B 199 -11.77 -5.79 -1.11
C GLU B 199 -10.93 -4.85 -0.24
N PHE B 200 -9.62 -5.01 -0.33
CA PHE B 200 -8.75 -4.25 0.54
C PHE B 200 -8.16 -3.06 -0.23
N VAL B 201 -9.02 -2.34 -0.88
CA VAL B 201 -8.55 -1.13 -1.53
C VAL B 201 -8.84 0.03 -0.57
N ALA B 202 -7.84 0.88 -0.39
CA ALA B 202 -7.92 2.01 0.53
C ALA B 202 -8.70 3.20 0.04
N TYR B 203 -8.96 3.24 -1.27
CA TYR B 203 -9.55 4.43 -1.90
C TYR B 203 -10.98 4.13 -2.29
N PRO B 204 -11.85 5.15 -2.36
CA PRO B 204 -13.22 4.93 -2.87
C PRO B 204 -13.14 4.40 -4.32
N ILE B 205 -13.88 3.33 -4.61
CA ILE B 205 -14.07 2.85 -5.98
C ILE B 205 -15.46 3.29 -6.37
N GLN B 206 -15.52 4.25 -7.30
CA GLN B 206 -16.79 4.84 -7.74
C GLN B 206 -17.20 4.16 -9.03
N LEU B 207 -18.50 3.87 -9.16
CA LEU B 207 -19.04 3.32 -10.41
C LEU B 207 -20.03 4.33 -10.98
N VAL B 208 -19.81 4.70 -12.26
CA VAL B 208 -20.67 5.63 -12.96
C VAL B 208 -21.70 4.91 -13.75
N VAL B 209 -22.95 5.13 -13.35
CA VAL B 209 -24.08 4.41 -13.88
C VAL B 209 -24.99 5.41 -14.58
N THR B 210 -25.48 5.05 -15.75
CA THR B 210 -26.46 5.86 -16.46
C THR B 210 -27.87 5.26 -16.37
N LYS B 211 -28.84 6.02 -15.85
CA LYS B 211 -30.23 5.56 -15.70
C LYS B 211 -31.21 6.46 -16.47
N GLU B 212 -32.14 5.87 -17.22
CA GLU B 212 -33.21 6.65 -17.83
C GLU B 212 -34.21 7.13 -16.76
N VAL B 213 -34.59 8.39 -16.85
CA VAL B 213 -35.62 8.90 -15.96
C VAL B 213 -36.95 8.46 -16.63
N GLU B 214 -37.76 7.73 -15.87
CA GLU B 214 -39.04 7.20 -16.37
C GLU B 214 -39.92 6.82 -15.17
C1 RDC C . 5.81 -5.79 11.68
C2 RDC C . 5.48 -4.62 12.52
C3 RDC C . 4.03 -4.35 12.77
C4 RDC C . 3.70 -3.22 13.53
C5 RDC C . 4.67 -2.31 14.03
C6 RDC C . 6.10 -2.54 13.78
C7 RDC C . 6.52 -3.71 12.98
C8 RDC C . 8.00 -3.96 12.77
C9 RDC C . 8.84 -2.81 12.27
C10 RDC C . 8.49 -2.02 11.08
C11 RDC C . 7.62 -2.50 10.18
C12 RDC C . 7.30 -1.77 8.95
C13 RDC C . 6.51 -2.31 8.00
C14 RDC C . 5.84 -3.65 8.15
C15 RDC C . 6.74 -4.85 7.83
C16 RDC C . 6.30 -6.22 8.37
C17 RDC C . 6.95 -6.54 9.74
C18 RDC C . 8.47 -6.59 9.66
O1 RDC C . 6.69 -5.44 10.59
O2 RDC C . 5.36 -6.88 11.80
O3 RDC C . 3.13 -5.27 12.30
O4 RDC C . 4.35 -1.21 14.74
CL1 RDC C . 7.32 -1.52 14.47
O5 RDC C . 9.89 -2.61 12.86
O6 RDC C . 5.74 -4.36 6.91
C1 RDC D . 0.24 4.94 -13.38
C2 RDC D . -0.76 3.95 -13.84
C3 RDC D . -2.13 4.11 -13.29
C4 RDC D . -3.05 3.11 -13.71
C5 RDC D . -2.73 2.03 -14.54
C6 RDC D . -1.38 1.89 -15.10
C7 RDC D . -0.34 2.85 -14.72
C8 RDC D . 1.07 2.68 -15.34
C9 RDC D . 1.72 1.29 -15.32
C10 RDC D . 1.84 0.49 -14.11
C11 RDC D . 1.73 1.09 -12.92
C12 RDC D . 1.88 0.32 -11.67
C13 RDC D . 1.81 0.96 -10.49
C14 RDC D . 1.51 2.43 -10.38
C15 RDC D . 2.75 3.34 -10.53
C16 RDC D . 2.48 4.82 -10.81
C17 RDC D . 2.37 5.15 -12.31
C18 RDC D . 3.70 4.93 -13.02
O1 RDC D . 1.39 4.26 -12.86
O2 RDC D . 0.12 6.11 -13.37
O3 RDC D . -2.39 5.17 -12.47
O4 RDC D . -3.64 1.09 -14.94
CL1 RDC D . -1.01 0.61 -16.23
O5 RDC D . 2.22 0.84 -16.35
O6 RDC D . 2.18 2.99 -9.27
#